data_8QDY
#
_entry.id   8QDY
#
_cell.length_a   68.730
_cell.length_b   94.420
_cell.length_c   117.150
_cell.angle_alpha   90.00
_cell.angle_beta   90.00
_cell.angle_gamma   90.00
#
_symmetry.space_group_name_H-M   'I 2 2 2'
#
loop_
_entity.id
_entity.type
_entity.pdbx_description
1 polymer 'S-adenosylmethionine synthase isoform type-2'
2 non-polymer 3-cyclopropyl-4-(4-methoxyphenyl)-1~{H}-pyrazolo[4,3-c]pyridine
3 non-polymer S-ADENOSYLMETHIONINE
4 water water
#
_entity_poly.entity_id   1
_entity_poly.type   'polypeptide(L)'
_entity_poly.pdbx_seq_one_letter_code
;QSMNGQLNGFHEAFIEEGTFLFTSESVGEGHPDKICDQISDAVLDAHLQQDPDAKVACETVAKTGMILLAGEITSRAAVD
YQKVVREAVKHIGYDDSSKGFDYKTCNVLVALEQQSPDIAQGVHLDRNEEDIGAGDQGLMFGYATDETEECMPLTIVLAH
KLNAKLAELRRNGTLPWLRPDSKTQVTVQYMQDRGAVLPIRVHTIVISVQHDEEVCLDEMRDALKEKVIKAVVPAKYLDE
DTIYHLQPSGRFVIGGPQGDAGLTGRKIIVDTYGGWGAHGGGAFSGKDYTKVDRSAAYAARWVAKSLVKGGLCRRVLVQV
SYAIGVSHPLSISIFHYGTSQKSERELLEIVKKNFDLRPGVIVRDLDLKKPIYQRTAAYGHFGRDSFPWEVPKKLKY
;
_entity_poly.pdbx_strand_id   A
#
loop_
_chem_comp.id
_chem_comp.type
_chem_comp.name
_chem_comp.formula
SAM non-polymer S-ADENOSYLMETHIONINE 'C15 H22 N6 O5 S'
U74 non-polymer 3-cyclopropyl-4-(4-methoxyphenyl)-1~{H}-pyrazolo[4,3-c]pyridine 'C16 H15 N3 O'
#
# COMPACT_ATOMS: atom_id res chain seq x y z
N GLY A 18 1.09 25.87 -18.14
CA GLY A 18 1.09 25.49 -16.73
C GLY A 18 0.42 24.15 -16.43
N THR A 19 -0.28 23.58 -17.42
CA THR A 19 -0.96 22.29 -17.22
C THR A 19 -0.08 21.13 -17.62
N PHE A 20 -0.34 19.97 -17.02
CA PHE A 20 0.39 18.76 -17.31
C PHE A 20 -0.47 17.55 -17.01
N LEU A 21 -0.07 16.40 -17.53
CA LEU A 21 -0.75 15.16 -17.26
C LEU A 21 0.04 14.33 -16.26
N PHE A 22 -0.66 13.56 -15.42
CA PHE A 22 0.02 12.60 -14.54
C PHE A 22 -0.87 11.39 -14.46
N THR A 23 -0.28 10.22 -14.51
CA THR A 23 -1.00 8.96 -14.45
C THR A 23 -0.59 8.14 -13.23
N SER A 24 -1.57 7.49 -12.59
CA SER A 24 -1.31 6.50 -11.54
C SER A 24 -2.17 5.27 -11.76
N GLU A 25 -1.78 4.13 -11.19
CA GLU A 25 -2.59 2.92 -11.30
C GLU A 25 -2.90 2.34 -9.93
N SER A 26 -3.87 1.44 -9.89
CA SER A 26 -4.16 0.65 -8.71
C SER A 26 -4.55 -0.74 -9.18
N VAL A 27 -4.60 -1.69 -8.23
CA VAL A 27 -5.02 -3.06 -8.53
C VAL A 27 -6.01 -3.52 -7.46
N GLY A 28 -6.78 -4.53 -7.82
CA GLY A 28 -7.77 -5.08 -6.90
C GLY A 28 -7.20 -6.11 -5.94
N GLU A 29 -8.05 -6.54 -5.02
CA GLU A 29 -7.68 -7.53 -4.01
C GLU A 29 -7.28 -8.86 -4.61
N GLY A 30 -7.81 -9.22 -5.77
CA GLY A 30 -7.47 -10.49 -6.39
C GLY A 30 -6.36 -10.42 -7.41
N HIS A 31 -5.73 -9.22 -7.59
CA HIS A 31 -4.55 -9.15 -8.45
C HIS A 31 -3.46 -10.04 -7.77
N PRO A 32 -2.75 -10.90 -8.52
CA PRO A 32 -1.89 -11.90 -7.86
C PRO A 32 -0.81 -11.33 -6.93
N ASP A 33 -0.24 -10.18 -7.28
CA ASP A 33 0.76 -9.56 -6.40
C ASP A 33 0.08 -9.10 -5.12
N LYS A 34 -1.13 -8.50 -5.23
CA LYS A 34 -1.87 -8.06 -4.06
C LYS A 34 -2.35 -9.21 -3.19
N ILE A 35 -2.64 -10.38 -3.80
CA ILE A 35 -2.98 -11.57 -3.01
C ILE A 35 -1.80 -11.90 -2.07
N CYS A 36 -0.58 -11.86 -2.64
CA CYS A 36 0.62 -12.14 -1.88
C CYS A 36 0.82 -11.14 -0.74
N ASP A 37 0.64 -9.84 -1.01
CA ASP A 37 0.78 -8.83 0.07
C ASP A 37 -0.24 -9.11 1.19
N GLN A 38 -1.49 -9.43 0.83
CA GLN A 38 -2.51 -9.70 1.84
C GLN A 38 -2.20 -10.97 2.63
N ILE A 39 -1.69 -12.04 1.97
CA ILE A 39 -1.35 -13.25 2.69
C ILE A 39 -0.16 -12.99 3.62
N SER A 40 0.88 -12.28 3.13
CA SER A 40 2.04 -11.97 3.98
C SER A 40 1.62 -11.21 5.24
N ASP A 41 0.70 -10.23 5.08
CA ASP A 41 0.21 -9.49 6.24
C ASP A 41 -0.77 -10.27 7.11
N ALA A 42 -1.49 -11.24 6.51
CA ALA A 42 -2.33 -12.14 7.33
C ALA A 42 -1.41 -13.01 8.25
N VAL A 43 -0.26 -13.43 7.70
CA VAL A 43 0.71 -14.20 8.48
C VAL A 43 1.32 -13.35 9.57
N LEU A 44 1.72 -12.10 9.21
CA LEU A 44 2.24 -11.20 10.23
C LEU A 44 1.22 -10.95 11.36
N ASP A 45 -0.03 -10.67 11.00
CA ASP A 45 -1.06 -10.40 12.01
C ASP A 45 -1.29 -11.64 12.88
N ALA A 46 -1.26 -12.85 12.28
CA ALA A 46 -1.45 -14.09 13.07
C ALA A 46 -0.37 -14.23 14.12
N HIS A 47 0.89 -13.92 13.75
CA HIS A 47 1.96 -13.95 14.72
C HIS A 47 1.81 -12.87 15.79
N LEU A 48 1.49 -11.63 15.39
CA LEU A 48 1.39 -10.52 16.37
C LEU A 48 0.23 -10.70 17.35
N GLN A 49 -0.82 -11.43 16.96
CA GLN A 49 -1.94 -11.70 17.87
C GLN A 49 -1.47 -12.51 19.08
N GLN A 50 -0.46 -13.36 18.91
CA GLN A 50 0.06 -14.19 20.00
C GLN A 50 1.37 -13.68 20.58
N ASP A 51 2.20 -13.03 19.75
CA ASP A 51 3.51 -12.55 20.18
C ASP A 51 3.73 -11.19 19.59
N PRO A 52 3.46 -10.13 20.36
CA PRO A 52 3.66 -8.75 19.84
C PRO A 52 5.08 -8.45 19.40
N ASP A 53 6.08 -9.21 19.88
CA ASP A 53 7.48 -9.02 19.52
C ASP A 53 7.97 -9.98 18.45
N ALA A 54 7.07 -10.62 17.71
CA ALA A 54 7.47 -11.54 16.64
C ALA A 54 8.34 -10.83 15.60
N LYS A 55 9.40 -11.49 15.16
CA LYS A 55 10.26 -11.00 14.09
C LYS A 55 9.80 -11.72 12.85
N VAL A 56 9.22 -10.99 11.91
CA VAL A 56 8.56 -11.56 10.74
C VAL A 56 9.07 -10.94 9.46
N ALA A 57 9.41 -11.79 8.50
CA ALA A 57 9.82 -11.38 7.15
C ALA A 57 9.27 -12.43 6.19
N CYS A 58 7.96 -12.37 5.96
CA CYS A 58 7.24 -13.40 5.22
C CYS A 58 6.97 -12.98 3.80
N GLU A 59 7.58 -13.62 2.84
CA GLU A 59 7.30 -13.37 1.43
C GLU A 59 6.34 -14.44 0.95
N THR A 60 5.45 -14.11 0.05
CA THR A 60 4.49 -15.04 -0.54
C THR A 60 4.64 -15.02 -2.05
N VAL A 61 4.53 -16.20 -2.67
CA VAL A 61 4.53 -16.36 -4.11
C VAL A 61 3.24 -17.09 -4.49
N ALA A 62 2.59 -16.65 -5.55
CA ALA A 62 1.35 -17.26 -6.02
C ALA A 62 1.41 -17.59 -7.48
N LYS A 63 1.10 -18.83 -7.83
CA LYS A 63 1.01 -19.23 -9.24
C LYS A 63 -0.12 -20.23 -9.28
N THR A 64 -0.53 -20.69 -10.45
CA THR A 64 -1.65 -21.65 -10.58
C THR A 64 -1.65 -22.72 -9.49
N GLY A 65 -2.68 -22.71 -8.66
CA GLY A 65 -2.86 -23.69 -7.62
C GLY A 65 -1.90 -23.65 -6.47
N MET A 66 -1.05 -22.61 -6.36
CA MET A 66 -0.02 -22.62 -5.33
C MET A 66 0.12 -21.31 -4.61
N ILE A 67 0.23 -21.41 -3.29
CA ILE A 67 0.70 -20.34 -2.43
C ILE A 67 1.95 -20.90 -1.74
N LEU A 68 3.09 -20.24 -1.93
CA LEU A 68 4.32 -20.60 -1.24
C LEU A 68 4.70 -19.48 -0.28
N LEU A 69 4.97 -19.81 0.97
CA LEU A 69 5.48 -18.85 1.96
C LEU A 69 6.99 -19.09 2.08
N ALA A 70 7.80 -18.06 1.91
CA ALA A 70 9.26 -18.17 2.01
C ALA A 70 9.76 -17.00 2.83
N GLY A 71 10.65 -17.25 3.75
CA GLY A 71 11.16 -16.16 4.58
C GLY A 71 11.58 -16.63 5.93
N GLU A 72 11.60 -15.67 6.87
CA GLU A 72 12.18 -15.86 8.18
C GLU A 72 11.27 -15.32 9.24
N ILE A 73 10.93 -16.16 10.19
CA ILE A 73 10.10 -15.82 11.32
C ILE A 73 10.68 -16.38 12.62
N THR A 74 10.85 -15.54 13.62
CA THR A 74 11.22 -15.98 14.96
C THR A 74 10.14 -15.43 15.88
N SER A 75 9.39 -16.32 16.51
CA SER A 75 8.20 -15.94 17.22
C SER A 75 7.84 -17.01 18.22
N ARG A 76 7.17 -16.61 19.30
CA ARG A 76 6.64 -17.56 20.27
C ARG A 76 5.22 -18.05 19.85
N ALA A 77 4.63 -17.49 18.79
CA ALA A 77 3.29 -17.88 18.36
C ALA A 77 3.28 -19.30 17.79
N ALA A 78 2.13 -19.96 17.84
CA ALA A 78 1.92 -21.24 17.16
C ALA A 78 0.87 -20.92 16.08
N VAL A 79 1.31 -20.79 14.83
CA VAL A 79 0.43 -20.37 13.74
C VAL A 79 0.16 -21.50 12.77
N ASP A 80 -1.10 -21.71 12.42
CA ASP A 80 -1.51 -22.71 11.46
C ASP A 80 -1.49 -22.02 10.08
N TYR A 81 -0.38 -22.14 9.36
CA TYR A 81 -0.23 -21.46 8.06
C TYR A 81 -1.25 -21.88 7.05
N GLN A 82 -1.64 -23.16 7.05
CA GLN A 82 -2.65 -23.64 6.12
C GLN A 82 -3.96 -22.88 6.31
N LYS A 83 -4.42 -22.76 7.57
CA LYS A 83 -5.65 -22.07 7.86
C LYS A 83 -5.55 -20.56 7.56
N VAL A 84 -4.44 -19.94 7.96
CA VAL A 84 -4.28 -18.50 7.76
C VAL A 84 -4.30 -18.13 6.28
N VAL A 85 -3.53 -18.87 5.49
CA VAL A 85 -3.46 -18.63 4.05
C VAL A 85 -4.81 -18.84 3.38
N ARG A 86 -5.44 -19.97 3.67
CA ARG A 86 -6.72 -20.28 3.02
C ARG A 86 -7.80 -19.28 3.40
N GLU A 87 -7.82 -18.81 4.64
CA GLU A 87 -8.81 -17.81 5.06
C GLU A 87 -8.61 -16.49 4.30
N ALA A 88 -7.34 -16.12 4.07
CA ALA A 88 -7.08 -14.86 3.34
C ALA A 88 -7.57 -14.98 1.89
N VAL A 89 -7.33 -16.14 1.26
CA VAL A 89 -7.75 -16.36 -0.13
C VAL A 89 -9.29 -16.39 -0.22
N LYS A 90 -9.95 -17.01 0.78
CA LYS A 90 -11.42 -17.05 0.84
C LYS A 90 -11.97 -15.60 0.89
N HIS A 91 -11.37 -14.75 1.73
CA HIS A 91 -11.82 -13.36 1.87
C HIS A 91 -11.75 -12.61 0.54
N ILE A 92 -10.67 -12.85 -0.21
CA ILE A 92 -10.46 -12.21 -1.51
C ILE A 92 -11.54 -12.62 -2.51
N GLY A 93 -12.00 -13.86 -2.43
CA GLY A 93 -13.07 -14.32 -3.30
C GLY A 93 -12.73 -15.48 -4.21
N TYR A 94 -11.54 -16.07 -4.07
CA TYR A 94 -11.16 -17.21 -4.93
C TYR A 94 -11.59 -18.51 -4.26
N ASP A 95 -12.79 -18.95 -4.60
CA ASP A 95 -13.46 -20.05 -3.91
C ASP A 95 -14.00 -21.13 -4.83
N ASP A 96 -13.50 -21.22 -6.06
CA ASP A 96 -13.99 -22.23 -6.98
C ASP A 96 -13.06 -22.35 -8.15
N SER A 97 -12.88 -23.58 -8.64
CA SER A 97 -12.02 -23.82 -9.78
C SER A 97 -12.49 -23.08 -11.04
N SER A 98 -13.80 -22.76 -11.14
CA SER A 98 -14.30 -21.99 -12.29
C SER A 98 -13.70 -20.57 -12.32
N LYS A 99 -13.30 -20.03 -11.16
CA LYS A 99 -12.70 -18.71 -11.05
C LYS A 99 -11.18 -18.73 -11.26
N GLY A 100 -10.59 -19.93 -11.39
CA GLY A 100 -9.17 -20.11 -11.62
C GLY A 100 -8.35 -20.39 -10.37
N PHE A 101 -8.97 -20.33 -9.18
CA PHE A 101 -8.23 -20.52 -7.94
C PHE A 101 -9.26 -20.79 -6.86
N ASP A 102 -8.94 -21.70 -5.95
CA ASP A 102 -9.85 -22.06 -4.87
C ASP A 102 -9.10 -22.24 -3.57
N TYR A 103 -9.46 -21.48 -2.53
CA TYR A 103 -8.80 -21.61 -1.23
C TYR A 103 -8.95 -23.00 -0.64
N LYS A 104 -10.04 -23.69 -0.96
CA LYS A 104 -10.27 -24.99 -0.36
C LYS A 104 -9.30 -26.05 -0.85
N THR A 105 -8.84 -25.93 -2.10
CA THR A 105 -8.12 -27.01 -2.75
C THR A 105 -6.75 -26.64 -3.29
N CYS A 106 -6.29 -25.41 -3.14
CA CYS A 106 -4.97 -25.04 -3.62
C CYS A 106 -3.88 -25.69 -2.73
N ASN A 107 -2.67 -25.71 -3.26
CA ASN A 107 -1.49 -26.15 -2.54
C ASN A 107 -0.96 -24.98 -1.71
N VAL A 108 -0.66 -25.22 -0.45
CA VAL A 108 0.03 -24.26 0.43
C VAL A 108 1.34 -24.90 0.86
N LEU A 109 2.45 -24.32 0.41
CA LEU A 109 3.81 -24.81 0.69
C LEU A 109 4.50 -23.85 1.61
N VAL A 110 5.24 -24.34 2.59
CA VAL A 110 5.89 -23.47 3.56
C VAL A 110 7.41 -23.70 3.61
N ALA A 111 8.19 -22.65 3.37
CA ALA A 111 9.65 -22.66 3.42
C ALA A 111 10.09 -21.52 4.34
N LEU A 112 9.70 -21.60 5.61
CA LEU A 112 10.01 -20.56 6.60
C LEU A 112 11.02 -21.06 7.59
N GLU A 113 12.03 -20.27 7.83
CA GLU A 113 13.08 -20.59 8.77
C GLU A 113 13.14 -19.52 9.85
N GLN A 114 13.98 -19.68 10.85
CA GLN A 114 14.15 -18.64 11.88
C GLN A 114 14.87 -17.44 11.29
N GLN A 115 14.72 -16.28 11.92
CA GLN A 115 15.51 -15.11 11.55
C GLN A 115 17.00 -15.44 11.77
N SER A 116 17.86 -15.01 10.84
CA SER A 116 19.30 -15.21 10.96
C SER A 116 19.81 -14.73 12.33
N PRO A 117 20.52 -15.56 13.07
CA PRO A 117 21.05 -15.12 14.35
C PRO A 117 22.04 -13.96 14.17
N ASP A 118 22.70 -13.85 12.98
CA ASP A 118 23.62 -12.74 12.75
C ASP A 118 22.85 -11.41 12.64
N ILE A 119 21.66 -11.43 12.03
CA ILE A 119 20.82 -10.23 12.00
C ILE A 119 20.31 -9.93 13.41
N ALA A 120 19.80 -10.96 14.11
CA ALA A 120 19.25 -10.76 15.45
C ALA A 120 20.26 -10.13 16.40
N GLN A 121 21.51 -10.62 16.40
CA GLN A 121 22.50 -10.07 17.30
C GLN A 121 22.87 -8.63 16.97
N GLY A 122 22.80 -8.27 15.69
CA GLY A 122 23.18 -6.92 15.30
C GLY A 122 22.08 -5.91 15.40
N VAL A 123 20.83 -6.36 15.49
CA VAL A 123 19.68 -5.47 15.49
C VAL A 123 19.01 -5.30 16.84
N HIS A 124 18.66 -6.42 17.51
CA HIS A 124 17.79 -6.31 18.66
C HIS A 124 18.20 -7.10 19.89
N LEU A 125 19.07 -8.10 19.76
CA LEU A 125 19.41 -8.89 20.95
CA LEU A 125 19.52 -8.91 20.91
C LEU A 125 20.14 -8.04 22.00
N ASP A 126 19.67 -8.13 23.24
CA ASP A 126 20.24 -7.39 24.36
C ASP A 126 20.25 -5.89 24.15
N ARG A 127 19.20 -5.38 23.50
CA ARG A 127 19.06 -3.96 23.31
C ARG A 127 17.80 -3.46 23.97
N ASN A 128 17.89 -2.27 24.58
CA ASN A 128 16.74 -1.59 25.14
C ASN A 128 15.77 -1.30 23.94
N GLU A 129 14.48 -1.50 24.09
CA GLU A 129 13.55 -1.35 22.95
C GLU A 129 13.68 -0.02 22.22
N GLU A 130 13.74 1.09 22.95
CA GLU A 130 13.89 2.40 22.28
C GLU A 130 15.17 2.53 21.48
N ASP A 131 16.20 1.75 21.85
CA ASP A 131 17.51 1.78 21.23
C ASP A 131 17.78 0.61 20.31
N ILE A 132 16.73 -0.12 19.87
CA ILE A 132 16.93 -1.18 18.89
C ILE A 132 17.46 -0.59 17.58
N GLY A 133 18.31 -1.33 16.90
CA GLY A 133 18.83 -0.87 15.63
C GLY A 133 17.80 -1.01 14.54
N ALA A 134 17.96 -0.26 13.44
CA ALA A 134 17.16 -0.52 12.25
C ALA A 134 17.42 -1.97 11.79
N GLY A 135 16.37 -2.63 11.33
CA GLY A 135 16.48 -4.02 10.90
C GLY A 135 17.22 -4.24 9.59
N ASP A 136 17.52 -3.15 8.89
CA ASP A 136 18.25 -3.18 7.63
C ASP A 136 18.66 -1.73 7.33
N GLN A 137 19.57 -1.56 6.37
CA GLN A 137 19.81 -0.24 5.83
C GLN A 137 18.64 0.07 4.90
N GLY A 138 18.61 1.30 4.40
CA GLY A 138 17.67 1.67 3.36
C GLY A 138 17.27 3.11 3.42
N LEU A 139 16.53 3.53 2.39
CA LEU A 139 16.02 4.89 2.31
C LEU A 139 14.51 4.79 2.17
N MET A 140 13.81 5.78 2.68
CA MET A 140 12.33 5.78 2.68
C MET A 140 11.86 7.19 2.50
N PHE A 141 10.71 7.35 1.85
CA PHE A 141 10.13 8.68 1.67
C PHE A 141 8.71 8.72 2.17
N GLY A 142 8.31 9.91 2.61
CA GLY A 142 6.93 10.22 2.95
C GLY A 142 6.49 11.39 2.07
N TYR A 143 5.22 11.47 1.74
CA TYR A 143 4.70 12.53 0.88
C TYR A 143 3.30 12.89 1.31
N ALA A 144 2.96 14.15 1.11
CA ALA A 144 1.60 14.61 1.37
C ALA A 144 1.32 15.79 0.45
N THR A 145 0.07 15.91 0.01
CA THR A 145 -0.37 16.98 -0.89
C THR A 145 -1.73 17.43 -0.43
N ASP A 146 -1.98 18.74 -0.47
CA ASP A 146 -3.28 19.28 -0.02
C ASP A 146 -4.38 19.19 -1.08
N GLU A 147 -4.14 18.50 -2.19
CA GLU A 147 -5.12 18.47 -3.26
C GLU A 147 -6.39 17.70 -2.90
N THR A 148 -6.33 16.82 -1.89
CA THR A 148 -7.50 16.09 -1.36
C THR A 148 -7.48 16.25 0.16
N GLU A 149 -8.64 16.05 0.82
CA GLU A 149 -8.71 16.16 2.28
C GLU A 149 -7.78 15.15 2.94
N GLU A 150 -7.70 13.94 2.37
CA GLU A 150 -6.83 12.90 2.94
C GLU A 150 -5.35 13.07 2.58
N CYS A 151 -4.98 14.15 1.91
CA CYS A 151 -3.61 14.52 1.60
C CYS A 151 -2.91 13.56 0.68
N MET A 152 -3.68 13.03 -0.28
CA MET A 152 -3.15 12.10 -1.27
C MET A 152 -3.40 12.60 -2.69
N PRO A 153 -2.58 12.17 -3.66
CA PRO A 153 -2.84 12.54 -5.05
C PRO A 153 -4.21 12.03 -5.55
N LEU A 154 -4.93 12.86 -6.30
CA LEU A 154 -6.23 12.45 -6.83
C LEU A 154 -6.12 11.26 -7.77
N THR A 155 -5.04 11.19 -8.58
CA THR A 155 -4.88 10.06 -9.51
C THR A 155 -4.95 8.69 -8.82
N ILE A 156 -4.22 8.54 -7.72
CA ILE A 156 -4.16 7.25 -7.04
C ILE A 156 -5.42 7.03 -6.24
N VAL A 157 -6.00 8.08 -5.61
CA VAL A 157 -7.25 7.92 -4.87
C VAL A 157 -8.35 7.38 -5.79
N LEU A 158 -8.50 7.99 -6.97
CA LEU A 158 -9.53 7.54 -7.92
C LEU A 158 -9.24 6.13 -8.39
N ALA A 159 -7.96 5.82 -8.71
CA ALA A 159 -7.63 4.48 -9.17
C ALA A 159 -7.99 3.41 -8.11
N HIS A 160 -7.68 3.68 -6.83
CA HIS A 160 -8.05 2.74 -5.75
C HIS A 160 -9.57 2.62 -5.66
N LYS A 161 -10.29 3.75 -5.69
CA LYS A 161 -11.74 3.69 -5.52
C LYS A 161 -12.42 2.91 -6.64
N LEU A 162 -11.88 2.94 -7.85
CA LEU A 162 -12.45 2.17 -8.96
C LEU A 162 -12.32 0.66 -8.66
N ASN A 163 -11.15 0.21 -8.14
CA ASN A 163 -11.01 -1.20 -7.77
C ASN A 163 -11.92 -1.55 -6.62
N ALA A 164 -12.05 -0.67 -5.62
CA ALA A 164 -12.93 -0.96 -4.48
C ALA A 164 -14.40 -1.08 -4.93
N LYS A 165 -14.81 -0.26 -5.90
CA LYS A 165 -16.16 -0.31 -6.43
C LYS A 165 -16.41 -1.63 -7.16
N LEU A 166 -15.41 -2.12 -7.93
CA LEU A 166 -15.54 -3.43 -8.57
C LEU A 166 -15.75 -4.52 -7.52
N ALA A 167 -14.95 -4.51 -6.45
CA ALA A 167 -15.12 -5.53 -5.40
C ALA A 167 -16.47 -5.41 -4.73
N GLU A 168 -16.96 -4.19 -4.53
CA GLU A 168 -18.26 -3.99 -3.89
C GLU A 168 -19.37 -4.57 -4.75
N LEU A 169 -19.36 -4.35 -6.06
CA LEU A 169 -20.40 -4.83 -6.95
C LEU A 169 -20.31 -6.33 -7.20
N ARG A 170 -19.10 -6.88 -7.08
CA ARG A 170 -18.92 -8.31 -7.16
C ARG A 170 -19.55 -8.94 -5.89
N ARG A 171 -19.18 -8.43 -4.73
CA ARG A 171 -19.67 -8.98 -3.46
C ARG A 171 -21.14 -8.79 -3.21
N ASN A 172 -21.76 -7.73 -3.75
CA ASN A 172 -23.21 -7.55 -3.52
C ASN A 172 -24.05 -8.21 -4.61
N GLY A 173 -23.43 -8.85 -5.59
CA GLY A 173 -24.16 -9.58 -6.62
C GLY A 173 -24.76 -8.73 -7.72
N THR A 174 -24.47 -7.41 -7.75
CA THR A 174 -24.96 -6.47 -8.78
C THR A 174 -24.39 -6.88 -10.16
N LEU A 175 -23.09 -7.22 -10.19
CA LEU A 175 -22.40 -7.62 -11.43
C LEU A 175 -21.77 -8.99 -11.15
N PRO A 176 -22.60 -10.05 -11.23
CA PRO A 176 -22.11 -11.37 -10.82
C PRO A 176 -21.07 -12.01 -11.72
N TRP A 177 -20.85 -11.43 -12.89
CA TRP A 177 -19.83 -11.88 -13.81
C TRP A 177 -18.43 -11.42 -13.40
N LEU A 178 -18.30 -10.49 -12.46
CA LEU A 178 -16.99 -10.01 -12.03
C LEU A 178 -16.26 -11.06 -11.24
N ARG A 179 -14.95 -11.06 -11.40
CA ARG A 179 -14.06 -11.92 -10.66
CA ARG A 179 -14.03 -11.91 -10.65
C ARG A 179 -13.06 -11.02 -9.86
N PRO A 180 -12.26 -11.55 -8.91
CA PRO A 180 -11.45 -10.68 -8.03
C PRO A 180 -10.25 -9.93 -8.62
N ASP A 181 -9.68 -10.37 -9.73
CA ASP A 181 -8.48 -9.76 -10.31
C ASP A 181 -8.85 -8.54 -11.12
N SER A 182 -8.29 -7.38 -10.80
CA SER A 182 -8.59 -6.16 -11.56
C SER A 182 -7.42 -5.21 -11.50
N LYS A 183 -7.37 -4.32 -12.47
CA LYS A 183 -6.38 -3.21 -12.53
C LYS A 183 -7.10 -2.00 -13.06
N THR A 184 -6.72 -0.81 -12.58
CA THR A 184 -7.27 0.45 -13.06
C THR A 184 -6.13 1.43 -13.27
N GLN A 185 -6.37 2.47 -14.04
CA GLN A 185 -5.37 3.49 -14.27
C GLN A 185 -6.08 4.77 -14.58
N VAL A 186 -5.62 5.86 -13.97
CA VAL A 186 -6.24 7.18 -14.14
C VAL A 186 -5.19 8.21 -14.48
N THR A 187 -5.44 8.97 -15.54
CA THR A 187 -4.62 10.09 -15.95
C THR A 187 -5.42 11.36 -15.68
N VAL A 188 -4.85 12.28 -14.89
CA VAL A 188 -5.49 13.55 -14.58
C VAL A 188 -4.68 14.70 -15.18
N GLN A 189 -5.39 15.72 -15.69
CA GLN A 189 -4.75 16.93 -16.13
C GLN A 189 -4.77 17.87 -14.93
N TYR A 190 -3.59 18.37 -14.56
CA TYR A 190 -3.38 19.24 -13.43
C TYR A 190 -2.94 20.63 -13.86
N MET A 191 -3.15 21.61 -12.97
CA MET A 191 -2.60 22.95 -13.11
C MET A 191 -1.55 23.13 -12.00
N GLN A 192 -0.41 23.72 -12.33
CA GLN A 192 0.63 24.05 -11.35
C GLN A 192 0.17 25.31 -10.61
N ASP A 193 0.28 25.33 -9.28
CA ASP A 193 -0.15 26.45 -8.47
C ASP A 193 0.85 26.76 -7.34
N ARG A 194 1.88 27.54 -7.65
CA ARG A 194 2.91 27.95 -6.70
C ARG A 194 3.55 26.74 -5.97
N GLY A 195 3.89 25.72 -6.73
CA GLY A 195 4.49 24.51 -6.18
C GLY A 195 3.46 23.44 -5.87
N ALA A 196 2.24 23.81 -5.58
CA ALA A 196 1.16 22.87 -5.32
C ALA A 196 0.52 22.46 -6.66
N VAL A 197 -0.34 21.44 -6.64
CA VAL A 197 -1.00 20.97 -7.86
C VAL A 197 -2.49 20.97 -7.67
N LEU A 198 -3.21 21.33 -8.73
CA LEU A 198 -4.67 21.42 -8.71
C LEU A 198 -5.23 20.53 -9.81
N PRO A 199 -6.00 19.50 -9.46
CA PRO A 199 -6.62 18.66 -10.50
C PRO A 199 -7.66 19.45 -11.28
N ILE A 200 -7.69 19.31 -12.61
CA ILE A 200 -8.65 19.97 -13.49
C ILE A 200 -9.69 18.97 -14.02
N ARG A 201 -9.22 17.87 -14.64
CA ARG A 201 -10.12 16.92 -15.28
C ARG A 201 -9.44 15.59 -15.44
N VAL A 202 -10.25 14.55 -15.63
CA VAL A 202 -9.74 13.22 -15.92
C VAL A 202 -9.58 13.10 -17.42
N HIS A 203 -8.36 12.80 -17.85
CA HIS A 203 -7.97 12.70 -19.25
C HIS A 203 -8.25 11.29 -19.81
N THR A 204 -7.86 10.23 -19.06
CA THR A 204 -8.03 8.84 -19.47
C THR A 204 -8.29 7.96 -18.29
N ILE A 205 -9.16 6.96 -18.47
CA ILE A 205 -9.37 5.89 -17.48
C ILE A 205 -9.22 4.55 -18.17
N VAL A 206 -8.48 3.64 -17.55
CA VAL A 206 -8.37 2.25 -17.95
C VAL A 206 -8.97 1.41 -16.86
N ILE A 207 -9.77 0.42 -17.24
CA ILE A 207 -10.23 -0.63 -16.32
C ILE A 207 -10.12 -1.95 -16.99
N SER A 208 -9.44 -2.91 -16.37
CA SER A 208 -9.40 -4.31 -16.80
C SER A 208 -9.81 -5.15 -15.62
N VAL A 209 -10.79 -6.05 -15.82
CA VAL A 209 -11.23 -6.89 -14.73
C VAL A 209 -11.56 -8.29 -15.22
N GLN A 210 -11.15 -9.29 -14.45
CA GLN A 210 -11.43 -10.68 -14.78
C GLN A 210 -12.94 -10.92 -14.74
N HIS A 211 -13.41 -11.78 -15.65
CA HIS A 211 -14.84 -11.98 -15.80
C HIS A 211 -15.16 -13.41 -16.18
N ASP A 212 -16.46 -13.75 -16.03
CA ASP A 212 -16.89 -15.09 -16.39
C ASP A 212 -16.99 -15.28 -17.92
N GLU A 213 -17.14 -16.53 -18.34
CA GLU A 213 -17.17 -16.90 -19.75
C GLU A 213 -18.40 -16.43 -20.50
N GLU A 214 -19.50 -16.18 -19.79
CA GLU A 214 -20.76 -15.88 -20.44
C GLU A 214 -21.02 -14.43 -20.82
N VAL A 215 -20.54 -13.46 -20.04
CA VAL A 215 -20.83 -12.05 -20.29
C VAL A 215 -20.12 -11.53 -21.55
N CYS A 216 -20.81 -10.72 -22.36
CA CYS A 216 -20.17 -10.18 -23.56
C CYS A 216 -19.46 -8.86 -23.29
N LEU A 217 -18.55 -8.52 -24.17
CA LEU A 217 -17.77 -7.32 -24.08
C LEU A 217 -18.60 -6.05 -23.99
N ASP A 218 -19.66 -5.92 -24.82
CA ASP A 218 -20.50 -4.71 -24.77
C ASP A 218 -21.21 -4.54 -23.43
N GLU A 219 -21.70 -5.65 -22.86
CA GLU A 219 -22.36 -5.59 -21.56
C GLU A 219 -21.35 -5.14 -20.49
N MET A 220 -20.11 -5.65 -20.57
CA MET A 220 -19.10 -5.26 -19.59
C MET A 220 -18.71 -3.81 -19.73
N ARG A 221 -18.50 -3.34 -20.98
CA ARG A 221 -18.06 -1.96 -21.16
C ARG A 221 -19.13 -0.98 -20.71
N ASP A 222 -20.40 -1.29 -20.99
CA ASP A 222 -21.49 -0.42 -20.57
C ASP A 222 -21.56 -0.39 -19.02
N ALA A 223 -21.47 -1.55 -18.37
CA ALA A 223 -21.51 -1.59 -16.90
C ALA A 223 -20.33 -0.87 -16.27
N LEU A 224 -19.12 -1.03 -16.85
CA LEU A 224 -17.94 -0.36 -16.27
C LEU A 224 -18.09 1.15 -16.35
N LYS A 225 -18.69 1.67 -17.42
CA LYS A 225 -18.89 3.10 -17.49
C LYS A 225 -20.02 3.56 -16.55
N GLU A 226 -21.18 2.93 -16.60
CA GLU A 226 -22.34 3.39 -15.86
C GLU A 226 -22.33 3.07 -14.39
N LYS A 227 -21.92 1.87 -14.01
CA LYS A 227 -22.01 1.42 -12.63
C LYS A 227 -20.73 1.56 -11.85
N VAL A 228 -19.60 1.71 -12.54
CA VAL A 228 -18.33 1.80 -11.85
C VAL A 228 -17.81 3.22 -11.95
N ILE A 229 -17.43 3.67 -13.15
CA ILE A 229 -16.88 5.02 -13.30
C ILE A 229 -17.81 6.10 -12.80
N LYS A 230 -19.08 6.08 -13.25
CA LYS A 230 -20.01 7.13 -12.82
C LYS A 230 -20.30 7.09 -11.33
N ALA A 231 -20.18 5.93 -10.70
CA ALA A 231 -20.41 5.81 -9.27
C ALA A 231 -19.22 6.26 -8.43
N VAL A 232 -18.04 6.50 -9.05
CA VAL A 232 -16.82 6.83 -8.32
C VAL A 232 -16.29 8.23 -8.68
N VAL A 233 -16.21 8.54 -9.97
CA VAL A 233 -15.57 9.77 -10.40
C VAL A 233 -16.58 10.88 -10.51
N PRO A 234 -16.39 12.00 -9.82
CA PRO A 234 -17.34 13.12 -9.96
C PRO A 234 -17.50 13.56 -11.42
N ALA A 235 -18.72 13.82 -11.82
CA ALA A 235 -19.04 14.20 -13.18
C ALA A 235 -18.30 15.45 -13.64
N LYS A 236 -17.97 16.35 -12.70
CA LYS A 236 -17.24 17.57 -13.04
C LYS A 236 -15.86 17.30 -13.63
N TYR A 237 -15.29 16.11 -13.39
CA TYR A 237 -13.97 15.79 -13.94
C TYR A 237 -14.07 15.06 -15.28
N LEU A 238 -15.25 14.64 -15.72
CA LEU A 238 -15.43 13.87 -16.93
C LEU A 238 -16.07 14.73 -17.98
N ASP A 239 -15.54 14.70 -19.19
CA ASP A 239 -16.11 15.51 -20.27
C ASP A 239 -16.07 14.76 -21.59
N GLU A 240 -16.48 15.43 -22.69
CA GLU A 240 -16.53 14.78 -24.01
C GLU A 240 -15.17 14.32 -24.51
N ASP A 241 -14.09 14.88 -23.98
CA ASP A 241 -12.75 14.49 -24.41
C ASP A 241 -12.16 13.36 -23.61
N THR A 242 -12.74 12.98 -22.45
CA THR A 242 -12.17 11.89 -21.64
C THR A 242 -12.11 10.60 -22.42
N ILE A 243 -10.97 9.94 -22.39
CA ILE A 243 -10.77 8.69 -23.10
C ILE A 243 -10.98 7.52 -22.16
N TYR A 244 -11.73 6.50 -22.62
CA TYR A 244 -12.01 5.33 -21.82
C TYR A 244 -11.45 4.11 -22.49
N HIS A 245 -10.65 3.32 -21.77
CA HIS A 245 -10.15 2.02 -22.24
C HIS A 245 -10.71 0.99 -21.27
N LEU A 246 -11.88 0.44 -21.62
CA LEU A 246 -12.60 -0.49 -20.74
C LEU A 246 -12.50 -1.86 -21.31
N GLN A 247 -11.97 -2.83 -20.52
CA GLN A 247 -11.65 -4.17 -21.03
C GLN A 247 -10.84 -4.09 -22.34
N PRO A 248 -9.76 -3.27 -22.37
CA PRO A 248 -9.02 -3.08 -23.62
C PRO A 248 -8.37 -4.32 -24.20
N SER A 249 -8.14 -5.37 -23.39
CA SER A 249 -7.59 -6.60 -23.99
C SER A 249 -8.66 -7.38 -24.77
N GLY A 250 -9.94 -7.11 -24.50
CA GLY A 250 -11.05 -7.79 -25.16
C GLY A 250 -11.49 -9.07 -24.50
N ARG A 251 -10.67 -9.69 -23.65
CA ARG A 251 -11.04 -10.95 -23.00
C ARG A 251 -10.11 -11.17 -21.81
N PHE A 252 -10.69 -11.43 -20.64
CA PHE A 252 -9.95 -11.60 -19.41
C PHE A 252 -10.71 -12.63 -18.56
N VAL A 253 -10.77 -13.87 -19.05
CA VAL A 253 -11.41 -14.96 -18.30
C VAL A 253 -10.37 -15.64 -17.40
N ILE A 254 -9.19 -15.96 -17.96
CA ILE A 254 -8.08 -16.48 -17.15
C ILE A 254 -7.53 -15.30 -16.36
N GLY A 255 -7.44 -15.45 -15.06
CA GLY A 255 -6.95 -14.38 -14.20
C GLY A 255 -6.46 -14.91 -12.88
N GLY A 256 -6.16 -14.01 -11.96
CA GLY A 256 -5.55 -14.39 -10.70
C GLY A 256 -4.19 -15.01 -10.93
N PRO A 257 -3.72 -15.84 -9.99
CA PRO A 257 -2.39 -16.49 -10.15
C PRO A 257 -2.24 -17.38 -11.40
N GLN A 258 -3.36 -17.87 -11.94
CA GLN A 258 -3.31 -18.64 -13.16
C GLN A 258 -2.86 -17.79 -14.36
N GLY A 259 -3.25 -16.52 -14.37
CA GLY A 259 -2.89 -15.65 -15.48
C GLY A 259 -1.52 -15.01 -15.38
N ASP A 260 -1.02 -14.86 -14.14
CA ASP A 260 0.23 -14.13 -13.90
C ASP A 260 0.74 -14.49 -12.52
N ALA A 261 2.02 -14.84 -12.39
CA ALA A 261 2.58 -15.11 -11.06
C ALA A 261 2.57 -13.86 -10.21
N GLY A 262 2.23 -14.00 -8.94
CA GLY A 262 2.25 -12.90 -7.99
C GLY A 262 3.36 -13.11 -6.96
N LEU A 263 3.91 -12.00 -6.46
CA LEU A 263 4.92 -12.00 -5.43
C LEU A 263 4.64 -10.86 -4.47
N THR A 264 5.00 -11.03 -3.22
CA THR A 264 4.90 -9.94 -2.22
C THR A 264 5.84 -8.79 -2.63
N GLY A 265 5.39 -7.56 -2.46
CA GLY A 265 6.26 -6.41 -2.65
C GLY A 265 6.54 -6.03 -4.09
N ARG A 266 5.60 -6.37 -4.98
CA ARG A 266 5.67 -6.02 -6.41
C ARG A 266 4.66 -4.94 -6.80
N LYS A 267 4.02 -4.31 -5.80
CA LYS A 267 3.08 -3.21 -6.07
C LYS A 267 3.42 -2.04 -5.16
N ILE A 268 4.71 -1.72 -5.00
CA ILE A 268 5.12 -0.73 -4.00
C ILE A 268 4.70 0.69 -4.33
N ILE A 269 4.47 0.98 -5.61
CA ILE A 269 4.02 2.32 -6.05
C ILE A 269 2.51 2.44 -5.85
N VAL A 270 1.76 1.36 -6.13
CA VAL A 270 0.33 1.30 -5.80
C VAL A 270 0.13 1.42 -4.30
N ASP A 271 1.04 0.86 -3.49
CA ASP A 271 0.90 0.90 -2.02
C ASP A 271 1.13 2.26 -1.45
N THR A 272 1.77 3.17 -2.19
CA THR A 272 2.22 4.43 -1.68
C THR A 272 1.53 5.62 -2.36
N TYR A 273 2.16 6.27 -3.33
CA TYR A 273 1.67 7.53 -3.86
C TYR A 273 1.38 7.51 -5.36
N GLY A 274 1.36 6.34 -5.99
CA GLY A 274 1.03 6.28 -7.41
C GLY A 274 2.01 7.00 -8.32
N GLY A 275 3.26 7.10 -7.88
CA GLY A 275 4.30 7.71 -8.68
C GLY A 275 4.68 9.10 -8.23
N TRP A 276 3.77 9.75 -7.48
CA TRP A 276 4.07 11.06 -6.89
C TRP A 276 5.08 10.91 -5.76
N GLY A 277 5.64 12.02 -5.29
CA GLY A 277 6.61 11.98 -4.20
C GLY A 277 7.87 11.27 -4.61
N ALA A 278 8.20 10.15 -3.94
CA ALA A 278 9.39 9.36 -4.27
C ALA A 278 9.27 8.04 -3.52
N HIS A 279 10.09 7.06 -3.90
CA HIS A 279 10.06 5.76 -3.23
C HIS A 279 11.51 5.27 -3.08
N GLY A 280 11.78 4.69 -1.90
CA GLY A 280 13.12 4.14 -1.63
C GLY A 280 13.33 2.68 -1.99
N GLY A 281 12.28 2.01 -2.45
CA GLY A 281 12.38 0.65 -2.94
C GLY A 281 11.90 -0.46 -2.05
N GLY A 282 11.73 -0.20 -0.77
CA GLY A 282 11.35 -1.26 0.17
C GLY A 282 9.87 -1.59 0.14
N ALA A 283 9.58 -2.87 0.24
CA ALA A 283 8.18 -3.35 0.29
C ALA A 283 7.67 -3.29 1.72
N PHE A 284 6.36 -3.22 1.91
CA PHE A 284 5.79 -3.15 3.26
C PHE A 284 5.32 -4.49 3.82
N SER A 285 4.60 -5.29 3.02
CA SER A 285 3.88 -6.42 3.57
C SER A 285 4.77 -7.56 4.08
N GLY A 286 4.29 -8.18 5.15
CA GLY A 286 4.95 -9.32 5.76
C GLY A 286 6.10 -9.01 6.69
N LYS A 287 6.23 -7.74 7.10
CA LYS A 287 7.36 -7.29 7.91
C LYS A 287 6.91 -6.65 9.21
N ASP A 288 7.56 -7.02 10.31
CA ASP A 288 7.32 -6.41 11.62
C ASP A 288 8.01 -5.02 11.69
N TYR A 289 7.77 -4.30 12.80
CA TYR A 289 8.21 -2.91 12.94
C TYR A 289 9.71 -2.69 12.86
N THR A 290 10.52 -3.69 13.22
CA THR A 290 11.97 -3.50 13.15
C THR A 290 12.45 -3.33 11.71
N LYS A 291 11.65 -3.73 10.71
CA LYS A 291 12.01 -3.55 9.31
C LYS A 291 11.59 -2.14 8.92
N VAL A 292 12.55 -1.21 8.92
CA VAL A 292 12.31 0.20 8.66
C VAL A 292 11.75 0.49 7.28
N ASP A 293 11.84 -0.45 6.33
CA ASP A 293 11.18 -0.26 5.02
C ASP A 293 9.69 0.07 5.21
N ARG A 294 9.06 -0.55 6.23
CA ARG A 294 7.67 -0.26 6.51
C ARG A 294 7.53 0.83 7.60
N SER A 295 8.08 0.63 8.80
CA SER A 295 7.87 1.57 9.90
C SER A 295 8.36 2.97 9.62
N ALA A 296 9.52 3.09 8.96
CA ALA A 296 10.02 4.46 8.69
C ALA A 296 9.27 5.11 7.54
N ALA A 297 8.75 4.34 6.56
CA ALA A 297 7.90 4.93 5.52
C ALA A 297 6.58 5.39 6.14
N TYR A 298 6.02 4.63 7.10
CA TYR A 298 4.79 5.06 7.76
C TYR A 298 5.08 6.32 8.57
N ALA A 299 6.22 6.36 9.28
CA ALA A 299 6.58 7.56 10.06
C ALA A 299 6.84 8.75 9.14
N ALA A 300 7.45 8.53 7.97
CA ALA A 300 7.70 9.65 7.05
C ALA A 300 6.38 10.20 6.48
N ARG A 301 5.41 9.32 6.21
CA ARG A 301 4.07 9.77 5.78
C ARG A 301 3.43 10.59 6.91
N TRP A 302 3.60 10.14 8.16
CA TRP A 302 3.04 10.82 9.31
C TRP A 302 3.64 12.22 9.44
N VAL A 303 4.97 12.33 9.26
CA VAL A 303 5.61 13.64 9.30
C VAL A 303 5.10 14.53 8.16
N ALA A 304 5.05 14.00 6.93
CA ALA A 304 4.61 14.80 5.79
C ALA A 304 3.17 15.28 5.97
N LYS A 305 2.28 14.39 6.37
CA LYS A 305 0.89 14.75 6.57
C LYS A 305 0.76 15.77 7.72
N SER A 306 1.59 15.64 8.77
CA SER A 306 1.56 16.59 9.87
C SER A 306 2.01 17.98 9.41
N LEU A 307 2.99 18.06 8.50
CA LEU A 307 3.46 19.35 8.01
C LEU A 307 2.35 20.00 7.15
N VAL A 308 1.62 19.23 6.36
CA VAL A 308 0.56 19.79 5.52
C VAL A 308 -0.66 20.17 6.35
N LYS A 309 -1.17 19.26 7.20
CA LYS A 309 -2.32 19.58 8.07
C LYS A 309 -2.02 20.68 9.07
N GLY A 310 -0.76 20.82 9.44
CA GLY A 310 -0.29 21.88 10.34
C GLY A 310 -0.17 23.24 9.67
N GLY A 311 -0.40 23.30 8.36
CA GLY A 311 -0.36 24.56 7.63
C GLY A 311 1.03 25.07 7.30
N LEU A 312 2.05 24.23 7.43
CA LEU A 312 3.42 24.66 7.13
C LEU A 312 3.75 24.55 5.66
N CYS A 313 3.15 23.58 4.97
CA CYS A 313 3.33 23.47 3.54
CA CYS A 313 3.39 23.22 3.57
C CYS A 313 2.05 22.95 2.91
N ARG A 314 1.96 23.10 1.61
CA ARG A 314 0.82 22.60 0.86
C ARG A 314 1.15 21.21 0.27
N ARG A 315 2.46 20.92 0.07
CA ARG A 315 2.96 19.71 -0.56
C ARG A 315 4.36 19.48 -0.04
N VAL A 316 4.69 18.25 0.35
CA VAL A 316 6.01 18.02 0.94
C VAL A 316 6.44 16.60 0.75
N LEU A 317 7.75 16.45 0.62
CA LEU A 317 8.43 15.15 0.51
C LEU A 317 9.46 15.07 1.64
N VAL A 318 9.53 13.93 2.30
CA VAL A 318 10.49 13.70 3.38
C VAL A 318 11.30 12.47 3.04
N GLN A 319 12.64 12.53 3.15
CA GLN A 319 13.47 11.33 3.00
C GLN A 319 14.14 11.06 4.32
N VAL A 320 14.22 9.79 4.68
CA VAL A 320 14.99 9.33 5.83
C VAL A 320 15.82 8.14 5.34
N SER A 321 16.89 7.82 6.05
CA SER A 321 17.68 6.63 5.71
C SER A 321 18.27 6.05 6.97
N TYR A 322 18.62 4.78 6.91
CA TYR A 322 19.12 4.05 8.07
C TYR A 322 20.28 3.12 7.69
N ALA A 323 21.03 2.68 8.72
CA ALA A 323 22.01 1.60 8.56
C ALA A 323 21.54 0.48 9.47
N ILE A 324 21.73 -0.78 9.07
CA ILE A 324 21.37 -1.92 9.92
C ILE A 324 22.14 -1.84 11.25
N GLY A 325 21.42 -2.02 12.34
CA GLY A 325 22.01 -2.01 13.67
C GLY A 325 22.11 -0.65 14.31
N VAL A 326 21.79 0.43 13.59
CA VAL A 326 21.92 1.80 14.11
C VAL A 326 20.49 2.34 14.30
N SER A 327 20.20 2.92 15.48
CA SER A 327 18.84 3.36 15.76
CA SER A 327 18.85 3.38 15.79
C SER A 327 18.47 4.67 15.07
N HIS A 328 19.28 5.72 15.20
CA HIS A 328 18.94 7.01 14.60
C HIS A 328 19.10 7.00 13.11
N PRO A 329 18.21 7.70 12.38
CA PRO A 329 18.39 7.82 10.94
C PRO A 329 19.76 8.43 10.61
N LEU A 330 20.34 8.02 9.49
CA LEU A 330 21.62 8.56 9.01
C LEU A 330 21.43 9.91 8.37
N SER A 331 20.27 10.13 7.74
CA SER A 331 19.97 11.38 7.07
C SER A 331 18.50 11.64 7.14
N ILE A 332 18.13 12.91 7.10
CA ILE A 332 16.74 13.36 7.04
C ILE A 332 16.74 14.61 6.13
N SER A 333 15.80 14.63 5.18
CA SER A 333 15.70 15.73 4.22
C SER A 333 14.24 16.05 3.99
N ILE A 334 13.97 17.31 3.71
CA ILE A 334 12.62 17.78 3.45
C ILE A 334 12.60 18.69 2.25
N PHE A 335 11.68 18.44 1.32
CA PHE A 335 11.47 19.27 0.15
C PHE A 335 10.03 19.72 0.12
N HIS A 336 9.81 21.04 0.12
CA HIS A 336 8.45 21.57 0.16
C HIS A 336 7.92 22.08 -1.18
N TYR A 337 8.65 21.84 -2.28
CA TYR A 337 8.21 22.18 -3.64
C TYR A 337 7.95 23.68 -3.82
N GLY A 338 8.42 24.52 -2.91
CA GLY A 338 8.15 25.96 -2.97
C GLY A 338 6.84 26.34 -2.31
N THR A 339 6.22 25.43 -1.54
CA THR A 339 4.91 25.67 -0.92
C THR A 339 4.94 26.09 0.54
N SER A 340 6.10 26.37 1.07
CA SER A 340 6.24 26.83 2.45
C SER A 340 7.00 28.14 2.48
N GLN A 341 6.69 28.98 3.47
CA GLN A 341 7.47 30.18 3.71
C GLN A 341 8.72 29.84 4.55
N LYS A 342 8.81 28.63 5.12
CA LYS A 342 9.98 28.22 5.89
C LYS A 342 11.00 27.52 4.99
N SER A 343 12.28 27.65 5.33
CA SER A 343 13.33 26.96 4.58
C SER A 343 13.35 25.47 4.97
N GLU A 344 14.10 24.63 4.21
CA GLU A 344 14.29 23.22 4.59
C GLU A 344 14.96 23.15 5.96
N ARG A 345 15.94 24.01 6.24
CA ARG A 345 16.60 24.02 7.55
C ARG A 345 15.59 24.25 8.68
N GLU A 346 14.67 25.21 8.51
CA GLU A 346 13.65 25.50 9.51
C GLU A 346 12.69 24.32 9.68
N LEU A 347 12.26 23.71 8.56
CA LEU A 347 11.35 22.56 8.65
C LEU A 347 12.04 21.37 9.33
N LEU A 348 13.34 21.16 9.03
CA LEU A 348 14.09 20.08 9.66
C LEU A 348 14.18 20.28 11.16
N GLU A 349 14.36 21.54 11.59
CA GLU A 349 14.40 21.84 13.03
C GLU A 349 13.05 21.54 13.68
N ILE A 350 11.95 21.89 13.01
CA ILE A 350 10.61 21.58 13.53
C ILE A 350 10.43 20.06 13.64
N VAL A 351 10.86 19.32 12.62
CA VAL A 351 10.75 17.86 12.65
C VAL A 351 11.60 17.26 13.79
N LYS A 352 12.82 17.78 13.99
CA LYS A 352 13.69 17.30 15.06
C LYS A 352 13.08 17.52 16.44
N LYS A 353 12.41 18.66 16.64
CA LYS A 353 11.79 18.96 17.92
C LYS A 353 10.51 18.17 18.18
N ASN A 354 9.87 17.66 17.13
CA ASN A 354 8.57 17.03 17.26
C ASN A 354 8.51 15.54 17.03
N PHE A 355 9.51 14.97 16.37
CA PHE A 355 9.48 13.54 16.05
C PHE A 355 10.77 12.87 16.44
N ASP A 356 10.70 11.59 16.77
CA ASP A 356 11.88 10.76 17.07
C ASP A 356 11.74 9.56 16.14
N LEU A 357 12.59 9.50 15.14
CA LEU A 357 12.45 8.51 14.08
C LEU A 357 13.30 7.25 14.29
N ARG A 358 13.67 6.97 15.54
CA ARG A 358 14.27 5.68 15.86
C ARG A 358 13.14 4.62 15.75
N PRO A 359 13.41 3.43 15.20
CA PRO A 359 12.35 2.43 15.08
C PRO A 359 11.71 2.05 16.41
N GLY A 360 12.51 2.04 17.48
CA GLY A 360 12.01 1.71 18.81
C GLY A 360 11.16 2.79 19.45
N VAL A 361 11.09 3.97 18.84
CA VAL A 361 10.17 5.02 19.28
C VAL A 361 8.99 5.06 18.31
N ILE A 362 9.22 4.93 16.99
CA ILE A 362 8.11 4.86 16.02
C ILE A 362 7.11 3.77 16.40
N VAL A 363 7.58 2.61 16.87
CA VAL A 363 6.68 1.52 17.27
C VAL A 363 5.68 1.95 18.32
N ARG A 364 6.12 2.78 19.27
CA ARG A 364 5.26 3.27 20.33
C ARG A 364 4.32 4.34 19.79
N ASP A 365 4.82 5.30 19.03
CA ASP A 365 3.99 6.37 18.49
C ASP A 365 2.91 5.88 17.54
N LEU A 366 3.23 4.90 16.71
CA LEU A 366 2.31 4.40 15.70
C LEU A 366 1.67 3.05 16.05
N ASP A 367 1.91 2.53 17.27
CA ASP A 367 1.31 1.29 17.78
C ASP A 367 1.54 0.14 16.83
N LEU A 368 2.80 -0.05 16.41
CA LEU A 368 3.12 -0.97 15.34
C LEU A 368 3.22 -2.45 15.71
N LYS A 369 2.95 -2.79 16.97
CA LYS A 369 2.82 -4.22 17.33
C LYS A 369 1.33 -4.68 17.17
N LYS A 370 0.41 -3.76 16.87
CA LYS A 370 -1.00 -4.13 16.71
C LYS A 370 -1.23 -4.87 15.41
N PRO A 371 -2.01 -5.98 15.47
CA PRO A 371 -2.23 -6.78 14.25
C PRO A 371 -3.28 -6.19 13.32
N ILE A 372 -3.00 -5.03 12.74
CA ILE A 372 -3.92 -4.39 11.78
C ILE A 372 -3.37 -4.40 10.36
N TYR A 373 -2.29 -5.14 10.11
CA TYR A 373 -1.59 -5.04 8.86
C TYR A 373 -2.33 -5.57 7.65
N GLN A 374 -3.14 -6.63 7.80
CA GLN A 374 -3.87 -7.11 6.61
C GLN A 374 -4.80 -6.02 6.04
N ARG A 375 -5.31 -5.14 6.91
CA ARG A 375 -6.14 -4.01 6.47
C ARG A 375 -5.38 -3.01 5.61
N THR A 376 -4.05 -2.95 5.71
CA THR A 376 -3.28 -2.00 4.90
C THR A 376 -2.94 -2.53 3.50
N ALA A 377 -3.04 -3.85 3.29
CA ALA A 377 -2.46 -4.53 2.14
C ALA A 377 -3.23 -4.48 0.82
N ALA A 378 -4.35 -3.77 0.78
CA ALA A 378 -5.04 -3.50 -0.49
C ALA A 378 -5.56 -2.06 -0.41
N TYR A 379 -5.61 -1.39 -1.57
CA TYR A 379 -6.13 -0.02 -1.71
C TYR A 379 -5.23 1.06 -1.13
N GLY A 380 -3.95 0.76 -0.96
CA GLY A 380 -2.99 1.73 -0.50
C GLY A 380 -2.83 1.73 1.00
N HIS A 381 -1.63 2.01 1.49
CA HIS A 381 -1.36 2.05 2.93
C HIS A 381 -1.70 3.42 3.54
N PHE A 382 -1.85 4.43 2.67
CA PHE A 382 -2.00 5.82 3.05
C PHE A 382 -3.32 6.42 2.59
N GLY A 383 -3.75 7.45 3.29
CA GLY A 383 -4.95 8.20 2.96
C GLY A 383 -6.27 7.56 3.31
N ARG A 384 -6.25 6.51 4.13
CA ARG A 384 -7.46 5.74 4.49
C ARG A 384 -7.53 5.43 5.97
N ASP A 385 -8.75 5.36 6.49
CA ASP A 385 -9.16 4.75 7.76
C ASP A 385 -8.58 5.28 9.06
N SER A 386 -7.96 6.45 9.04
CA SER A 386 -7.43 7.04 10.26
C SER A 386 -6.50 6.11 11.05
N PHE A 387 -5.62 5.39 10.32
CA PHE A 387 -4.53 4.60 10.94
C PHE A 387 -3.63 5.60 11.70
N PRO A 388 -2.79 5.19 12.66
CA PRO A 388 -2.02 6.18 13.43
C PRO A 388 -1.16 7.13 12.61
N TRP A 389 -0.58 6.65 11.51
CA TRP A 389 0.25 7.50 10.65
C TRP A 389 -0.56 8.50 9.82
N GLU A 390 -1.91 8.41 9.87
CA GLU A 390 -2.81 9.33 9.17
C GLU A 390 -3.42 10.35 10.12
N VAL A 391 -3.12 10.30 11.42
CA VAL A 391 -3.66 11.25 12.39
C VAL A 391 -2.53 12.24 12.63
N PRO A 392 -2.64 13.48 12.16
CA PRO A 392 -1.49 14.40 12.27
C PRO A 392 -1.09 14.68 13.69
N LYS A 393 0.21 14.87 13.89
CA LYS A 393 0.71 15.30 15.17
C LYS A 393 0.65 16.83 15.22
N LYS A 394 0.16 17.37 16.36
CA LYS A 394 0.14 18.81 16.60
C LYS A 394 1.58 19.23 16.83
N LEU A 395 2.07 20.15 16.00
CA LEU A 395 3.46 20.56 16.06
C LEU A 395 3.71 21.75 16.97
N LYS A 396 4.79 21.68 17.73
CA LYS A 396 5.20 22.75 18.62
C LYS A 396 6.40 23.44 17.99
N TYR A 397 6.31 24.76 17.78
CA TYR A 397 7.35 25.60 17.16
C TYR A 397 7.02 27.10 17.31
C1 U74 B . 6.48 14.48 -9.65
C2 U74 B . 7.46 14.97 -10.50
C3 U74 B . 7.14 15.94 -11.43
C7 U74 B . 5.50 17.50 -12.53
C8 U74 B . 5.37 17.23 -13.91
C9 U74 B . 5.02 18.29 -14.75
C10 U74 B . 4.81 19.56 -14.23
C11 U74 B . 4.95 19.71 -12.88
C12 U74 B . 5.50 16.11 -14.79
C13 U74 B . 5.86 14.70 -14.43
C14 U74 B . 5.02 13.56 -14.96
C15 U74 B . 6.41 13.75 -15.48
C U74 B . 7.65 12.53 -8.89
O U74 B . 6.65 13.52 -8.68
C6 U74 B . 5.19 14.97 -9.74
C5 U74 B . 4.88 15.94 -10.67
C4 U74 B . 5.84 16.46 -11.53
N U74 B . 5.28 18.74 -12.02
N1 U74 B . 4.97 17.77 -16.01
N2 U74 B . 5.26 16.45 -16.02
N SAM C . 2.91 -12.12 -17.05
CA SAM C . 1.97 -11.71 -18.13
C SAM C . 2.27 -12.36 -19.47
O SAM C . 2.22 -11.73 -20.52
OXT SAM C . 2.55 -13.61 -19.39
CB SAM C . 1.94 -10.21 -18.26
CG SAM C . 1.28 -9.58 -17.04
SD SAM C . -0.54 -9.68 -16.93
CE SAM C . -1.12 -8.73 -18.33
C5' SAM C . -0.45 -8.52 -15.54
C4' SAM C . -1.74 -8.27 -14.81
O4' SAM C . -2.71 -7.90 -15.81
C3' SAM C . -2.31 -9.53 -14.18
O3' SAM C . -1.80 -9.73 -12.88
C2' SAM C . -3.80 -9.20 -14.15
O2' SAM C . -4.13 -8.29 -13.11
C1' SAM C . -3.96 -8.50 -15.51
N9 SAM C . -4.35 -9.39 -16.61
C8 SAM C . -4.18 -10.75 -16.71
N7 SAM C . -4.73 -11.25 -17.79
C5 SAM C . -5.29 -10.16 -18.43
C6 SAM C . -6.09 -10.04 -19.59
N6 SAM C . -6.42 -11.09 -20.36
N1 SAM C . -6.54 -8.82 -19.90
C2 SAM C . -6.21 -7.78 -19.12
N3 SAM C . -5.47 -7.77 -18.02
C4 SAM C . -5.07 -9.01 -17.71
#